data_4UJB
#
_entry.id   4UJB
#
_cell.length_a   72.620
_cell.length_b   75.371
_cell.length_c   80.349
_cell.angle_alpha   90.00
_cell.angle_beta   90.00
_cell.angle_gamma   90.00
#
_symmetry.space_group_name_H-M   'P 21 21 21'
#
loop_
_entity.id
_entity.type
_entity.pdbx_description
1 polymer 'CAMP-DEPENDENT PROTEIN KINASE CATALYTIC SUBUNIT ALPHA'
2 polymer PEPTIDE
3 non-polymer 7-[(3S,4R)-4-(3-fluorophenyl)carbonylpyrrolidin-3-yl]-3H-quinazolin-4-one
4 non-polymer (4S)-2-METHYL-2,4-PENTANEDIOL
5 water water
#
loop_
_entity_poly.entity_id
_entity_poly.type
_entity_poly.pdbx_seq_one_letter_code
_entity_poly.pdbx_strand_id
1 'polypeptide(L)'
;MGNAAAAKKG(SEP)EQESVKEFLAKAKEDFLKKWESPAQNTAHLDQFERIKTLGTGSFGRVMLVKHKETGNHYAMKILD
KQKVVKLKQIEHTLNEKRILQAVNFPFLVKLEFSFKDNSNLYMVMEYVPGGEMFSHLRRIGRFSEPHARFYAAQIVLTFE
YLHSLDLIYRDLKPENLLIDQQGYIQVTDFGFAKRVKGRTW(TPO)LCGTPEYLAPEIILSKGYNKAVDWWALGVLIYEM
AAGYPPFFADQPIQIYEKIVSGKVRFPSHFSSDLKDLLRNLLQVDLTKRFGNLKNGVNDIKNHKWFATTDWIAIYQRKVE
APFIPKFKGPGDTSNFDDYEEEEIRV(SEP)INEKCGKEFSEF
;
A
2 'polypeptide(L)' TTYADFIASGRTGRRNAIHD B
#
loop_
_chem_comp.id
_chem_comp.type
_chem_comp.name
_chem_comp.formula
8BQ non-polymer 7-[(3S,4R)-4-(3-fluorophenyl)carbonylpyrrolidin-3-yl]-3H-quinazolin-4-one 'C19 H16 F N3 O2'
MPD non-polymer (4S)-2-METHYL-2,4-PENTANEDIOL 'C6 H14 O2'
#
# COMPACT_ATOMS: atom_id res chain seq x y z
N ALA A 5 7.23 24.09 16.20
CA ALA A 5 6.63 22.92 16.85
C ALA A 5 7.13 21.62 16.22
N ALA A 6 7.24 21.62 14.90
CA ALA A 6 7.66 20.43 14.15
C ALA A 6 9.17 20.41 13.93
N ALA A 7 9.87 21.40 14.49
CA ALA A 7 11.31 21.50 14.33
C ALA A 7 12.04 21.03 15.59
N LYS A 8 11.35 21.09 16.72
CA LYS A 8 11.93 20.77 18.03
C LYS A 8 12.60 19.39 18.04
N LYS A 9 13.72 19.28 18.76
CA LYS A 9 14.47 18.04 18.85
C LYS A 9 14.69 17.61 20.30
N GLY A 10 13.58 17.39 21.01
CA GLY A 10 13.64 16.91 22.38
C GLY A 10 13.91 15.41 22.45
N SEP A 11 13.58 14.81 23.59
CA SEP A 11 13.83 13.40 23.80
CB SEP A 11 13.62 13.03 25.28
OG SEP A 11 12.29 13.32 25.68
C SEP A 11 12.96 12.50 22.92
O SEP A 11 13.38 11.40 22.52
P SEP A 11 11.91 12.50 27.02
O1P SEP A 11 12.84 12.99 28.23
O2P SEP A 11 10.36 12.77 27.33
O3P SEP A 11 12.12 10.92 26.78
N GLU A 12 11.75 12.96 22.61
CA GLU A 12 10.79 12.17 21.84
C GLU A 12 11.37 11.77 20.48
N GLN A 13 12.07 12.71 19.84
CA GLN A 13 12.70 12.46 18.55
C GLN A 13 13.81 11.41 18.64
N GLU A 14 14.55 11.40 19.75
CA GLU A 14 15.65 10.44 19.91
C GLU A 14 15.13 9.01 20.15
N SER A 15 13.96 8.88 20.75
CA SER A 15 13.30 7.58 20.84
C SER A 15 13.00 7.04 19.45
N VAL A 16 12.39 7.87 18.59
CA VAL A 16 12.13 7.49 17.20
C VAL A 16 13.42 7.11 16.45
N LYS A 17 14.45 7.93 16.62
CA LYS A 17 15.75 7.66 15.99
C LYS A 17 16.34 6.33 16.41
N GLU A 18 16.29 6.06 17.72
CA GLU A 18 16.78 4.79 18.25
C GLU A 18 15.98 3.63 17.70
N PHE A 19 14.66 3.77 17.68
CA PHE A 19 13.78 2.74 17.14
C PHE A 19 14.12 2.47 15.67
N LEU A 20 14.25 3.52 14.89
CA LEU A 20 14.47 3.37 13.47
C LEU A 20 15.86 2.76 13.21
N ALA A 21 16.84 3.13 14.04
CA ALA A 21 18.18 2.60 13.91
C ALA A 21 18.23 1.08 14.10
N LYS A 22 17.52 0.58 15.12
CA LYS A 22 17.42 -0.86 15.34
C LYS A 22 16.64 -1.54 14.20
N ALA A 23 15.61 -0.86 13.71
CA ALA A 23 14.80 -1.41 12.62
C ALA A 23 15.65 -1.60 11.38
N LYS A 24 16.48 -0.62 11.08
CA LYS A 24 17.36 -0.70 9.91
C LYS A 24 18.36 -1.83 10.07
N GLU A 25 18.87 -2.03 11.28
CA GLU A 25 19.80 -3.11 11.51
C GLU A 25 19.17 -4.45 11.16
N ASP A 26 17.95 -4.69 11.64
CA ASP A 26 17.22 -5.93 11.36
C ASP A 26 16.93 -6.06 9.87
N PHE A 27 16.51 -4.96 9.27
CA PHE A 27 16.13 -4.98 7.86
C PHE A 27 17.31 -5.36 6.97
N LEU A 28 18.46 -4.75 7.24
CA LEU A 28 19.64 -4.95 6.40
C LEU A 28 20.12 -6.39 6.41
N LYS A 29 20.09 -7.01 7.58
CA LYS A 29 20.42 -8.42 7.69
C LYS A 29 19.59 -9.24 6.71
N LYS A 30 18.28 -9.03 6.69
CA LYS A 30 17.42 -9.82 5.82
C LYS A 30 17.53 -9.37 4.38
N TRP A 31 17.74 -8.08 4.17
CA TRP A 31 17.92 -7.55 2.83
C TRP A 31 19.13 -8.19 2.15
N GLU A 32 20.22 -8.33 2.90
CA GLU A 32 21.45 -8.88 2.34
C GLU A 32 21.45 -10.41 2.20
N SER A 33 20.66 -11.12 3.01
CA SER A 33 20.48 -12.56 2.79
C SER A 33 19.02 -12.95 2.87
N PRO A 34 18.29 -12.78 1.75
CA PRO A 34 16.85 -13.04 1.69
C PRO A 34 16.49 -14.50 1.91
N ALA A 35 15.38 -14.73 2.60
CA ALA A 35 14.79 -16.06 2.71
C ALA A 35 14.35 -16.51 1.32
N GLN A 36 14.48 -17.80 1.04
CA GLN A 36 14.23 -18.32 -0.30
C GLN A 36 13.77 -19.77 -0.21
N ASN A 37 12.76 -20.13 -1.00
CA ASN A 37 12.29 -21.52 -1.05
C ASN A 37 11.94 -22.09 0.32
N THR A 38 10.95 -21.50 1.00
CA THR A 38 10.67 -21.88 2.37
C THR A 38 9.38 -22.67 2.52
N ALA A 39 8.76 -23.00 1.39
CA ALA A 39 7.65 -23.95 1.39
C ALA A 39 7.47 -24.50 -0.02
N HIS A 40 6.45 -25.33 -0.21
CA HIS A 40 6.12 -25.92 -1.52
CA HIS A 40 6.12 -25.77 -1.56
C HIS A 40 4.61 -25.85 -1.74
N LEU A 41 4.17 -25.79 -2.98
CA LEU A 41 2.75 -25.63 -3.32
C LEU A 41 1.85 -26.68 -2.64
N ASP A 42 2.33 -27.92 -2.58
CA ASP A 42 1.51 -29.01 -2.08
C ASP A 42 1.27 -28.92 -0.56
N GLN A 43 1.93 -27.99 0.10
CA GLN A 43 1.72 -27.82 1.54
C GLN A 43 0.48 -26.98 1.85
N PHE A 44 -0.18 -26.47 0.81
CA PHE A 44 -1.32 -25.58 1.00
C PHE A 44 -2.53 -26.08 0.25
N GLU A 45 -3.67 -26.00 0.92
CA GLU A 45 -4.94 -26.25 0.28
C GLU A 45 -5.52 -24.92 -0.23
N ARG A 46 -5.74 -24.83 -1.54
CA ARG A 46 -6.23 -23.60 -2.15
C ARG A 46 -7.75 -23.53 -2.02
N ILE A 47 -8.26 -22.40 -1.53
CA ILE A 47 -9.67 -22.32 -1.19
C ILE A 47 -10.45 -21.35 -2.10
N LYS A 48 -10.04 -20.09 -2.18
CA LYS A 48 -10.83 -19.12 -2.93
C LYS A 48 -10.01 -17.90 -3.32
N THR A 49 -10.34 -17.29 -4.45
CA THR A 49 -9.60 -16.11 -4.90
C THR A 49 -10.05 -14.84 -4.17
N LEU A 50 -9.07 -14.11 -3.62
CA LEU A 50 -9.34 -12.91 -2.83
C LEU A 50 -9.14 -11.62 -3.63
N GLY A 51 -8.37 -11.72 -4.71
CA GLY A 51 -8.16 -10.57 -5.58
C GLY A 51 -7.33 -10.99 -6.79
N THR A 52 -7.27 -10.10 -7.78
CA THR A 52 -6.57 -10.41 -9.03
C THR A 52 -5.68 -9.26 -9.44
N GLY A 53 -4.72 -9.57 -10.31
CA GLY A 53 -3.85 -8.57 -10.91
C GLY A 53 -3.56 -8.94 -12.36
N SER A 54 -2.77 -8.11 -13.04
CA SER A 54 -2.44 -8.32 -14.45
C SER A 54 -1.72 -9.63 -14.72
N PHE A 55 -0.91 -10.11 -13.78
CA PHE A 55 -0.16 -11.32 -14.05
C PHE A 55 -0.29 -12.37 -12.96
N GLY A 56 -1.37 -12.30 -12.18
CA GLY A 56 -1.59 -13.27 -11.12
C GLY A 56 -2.86 -13.06 -10.33
N ARG A 57 -2.92 -13.71 -9.17
CA ARG A 57 -4.07 -13.64 -8.29
C ARG A 57 -3.62 -13.94 -6.88
N VAL A 58 -4.41 -13.52 -5.90
CA VAL A 58 -4.21 -13.89 -4.51
C VAL A 58 -5.35 -14.81 -4.08
N MET A 59 -4.99 -15.97 -3.52
CA MET A 59 -5.98 -16.92 -3.03
C MET A 59 -5.89 -17.14 -1.52
N LEU A 60 -7.04 -17.32 -0.90
CA LEU A 60 -7.09 -17.86 0.44
C LEU A 60 -6.62 -19.32 0.37
N VAL A 61 -5.71 -19.70 1.26
CA VAL A 61 -5.20 -21.06 1.33
C VAL A 61 -5.13 -21.51 2.79
N LYS A 62 -5.12 -22.81 3.02
CA LYS A 62 -4.87 -23.32 4.37
C LYS A 62 -3.58 -24.13 4.36
N HIS A 63 -2.67 -23.76 5.25
CA HIS A 63 -1.45 -24.52 5.47
C HIS A 63 -1.78 -25.84 6.15
N LYS A 64 -1.45 -26.96 5.50
CA LYS A 64 -1.91 -28.28 5.95
C LYS A 64 -1.31 -28.69 7.27
N GLU A 65 -0.06 -28.33 7.54
CA GLU A 65 0.64 -28.87 8.70
C GLU A 65 0.28 -28.10 9.98
N THR A 66 -0.23 -26.88 9.81
CA THR A 66 -0.63 -26.05 10.94
C THR A 66 -2.13 -25.74 10.95
N GLY A 67 -2.78 -25.79 9.80
CA GLY A 67 -4.19 -25.43 9.69
C GLY A 67 -4.42 -23.93 9.70
N ASN A 68 -3.31 -23.18 9.62
CA ASN A 68 -3.38 -21.72 9.51
C ASN A 68 -3.87 -21.33 8.12
N HIS A 69 -4.68 -20.28 8.04
CA HIS A 69 -5.04 -19.68 6.76
C HIS A 69 -4.08 -18.57 6.38
N TYR A 70 -3.80 -18.47 5.08
CA TYR A 70 -2.90 -17.47 4.53
C TYR A 70 -3.48 -16.91 3.23
N ALA A 71 -2.88 -15.83 2.76
CA ALA A 71 -3.19 -15.30 1.44
C ALA A 71 -2.01 -15.56 0.51
N MET A 72 -2.19 -16.47 -0.44
CA MET A 72 -1.10 -16.84 -1.35
C MET A 72 -1.21 -16.13 -2.69
N LYS A 73 -0.22 -15.28 -2.98
CA LYS A 73 -0.15 -14.63 -4.28
C LYS A 73 0.55 -15.55 -5.27
N ILE A 74 -0.09 -15.77 -6.41
CA ILE A 74 0.42 -16.65 -7.45
C ILE A 74 0.67 -15.84 -8.69
N LEU A 75 1.94 -15.75 -9.11
CA LEU A 75 2.29 -14.96 -10.28
C LEU A 75 2.83 -15.86 -11.37
N ASP A 76 2.26 -15.72 -12.56
CA ASP A 76 2.68 -16.45 -13.75
C ASP A 76 3.96 -15.82 -14.32
N LYS A 77 5.07 -16.55 -14.23
CA LYS A 77 6.37 -16.04 -14.65
C LYS A 77 6.37 -15.51 -16.08
N GLN A 78 5.73 -16.22 -17.00
CA GLN A 78 5.69 -15.77 -18.40
C GLN A 78 4.99 -14.42 -18.55
N LYS A 79 3.91 -14.24 -17.78
CA LYS A 79 3.16 -13.00 -17.83
C LYS A 79 3.94 -11.84 -17.21
N VAL A 80 4.68 -12.12 -16.15
CA VAL A 80 5.55 -11.10 -15.54
C VAL A 80 6.57 -10.61 -16.57
N VAL A 81 7.17 -11.56 -17.27
CA VAL A 81 8.19 -11.24 -18.27
C VAL A 81 7.57 -10.40 -19.39
N LYS A 82 6.43 -10.83 -19.92
CA LYS A 82 5.77 -10.07 -21.00
C LYS A 82 5.44 -8.64 -20.59
N LEU A 83 5.13 -8.41 -19.32
CA LEU A 83 4.79 -7.07 -18.88
C LEU A 83 5.99 -6.31 -18.33
N LYS A 84 7.16 -6.90 -18.47
CA LYS A 84 8.43 -6.28 -18.09
C LYS A 84 8.47 -5.92 -16.60
N GLN A 85 7.94 -6.80 -15.77
CA GLN A 85 7.87 -6.58 -14.33
C GLN A 85 8.78 -7.52 -13.56
N ILE A 86 9.81 -8.04 -14.23
CA ILE A 86 10.73 -8.98 -13.60
C ILE A 86 11.40 -8.33 -12.39
N GLU A 87 12.05 -7.19 -12.62
CA GLU A 87 12.85 -6.56 -11.56
C GLU A 87 11.95 -6.03 -10.46
N HIS A 88 10.79 -5.51 -10.85
CA HIS A 88 9.80 -5.08 -9.84
C HIS A 88 9.32 -6.25 -8.96
N THR A 89 9.17 -7.43 -9.55
CA THR A 89 8.73 -8.59 -8.78
C THR A 89 9.84 -9.06 -7.85
N LEU A 90 11.08 -8.98 -8.32
CA LEU A 90 12.24 -9.29 -7.47
C LEU A 90 12.35 -8.29 -6.32
N ASN A 91 12.16 -7.01 -6.64
CA ASN A 91 12.06 -5.98 -5.59
C ASN A 91 11.04 -6.36 -4.53
N GLU A 92 9.83 -6.65 -4.99
CA GLU A 92 8.72 -6.91 -4.08
C GLU A 92 9.03 -7.99 -3.05
N LYS A 93 9.49 -9.13 -3.54
CA LYS A 93 9.77 -10.26 -2.68
C LYS A 93 10.96 -9.99 -1.75
N ARG A 94 12.03 -9.40 -2.29
CA ARG A 94 13.22 -9.10 -1.47
C ARG A 94 12.92 -8.11 -0.35
N ILE A 95 12.12 -7.11 -0.67
CA ILE A 95 11.74 -6.09 0.31
C ILE A 95 10.75 -6.67 1.31
N LEU A 96 9.72 -7.36 0.82
CA LEU A 96 8.67 -7.80 1.73
C LEU A 96 9.19 -8.84 2.76
N GLN A 97 10.11 -9.71 2.37
CA GLN A 97 10.66 -10.66 3.33
C GLN A 97 11.56 -9.98 4.36
N ALA A 98 11.97 -8.73 4.08
CA ALA A 98 12.93 -8.07 4.95
C ALA A 98 12.30 -7.13 6.00
N VAL A 99 11.06 -6.70 5.77
CA VAL A 99 10.48 -5.63 6.59
C VAL A 99 9.66 -6.19 7.73
N ASN A 100 9.38 -5.34 8.72
CA ASN A 100 8.66 -5.75 9.93
C ASN A 100 8.07 -4.51 10.61
N PHE A 101 6.76 -4.32 10.48
CA PHE A 101 6.09 -3.17 11.08
C PHE A 101 4.64 -3.55 11.36
N PRO A 102 4.05 -2.97 12.43
CA PRO A 102 2.72 -3.43 12.84
C PRO A 102 1.66 -3.28 11.74
N PHE A 103 1.89 -2.40 10.77
CA PHE A 103 0.86 -2.13 9.75
C PHE A 103 1.26 -2.62 8.37
N LEU A 104 2.24 -3.53 8.35
CA LEU A 104 2.71 -4.18 7.13
C LEU A 104 2.32 -5.65 7.16
N VAL A 105 1.66 -6.12 6.11
CA VAL A 105 1.36 -7.55 6.04
C VAL A 105 2.67 -8.35 6.00
N LYS A 106 2.71 -9.49 6.70
CA LYS A 106 3.95 -10.27 6.71
C LYS A 106 3.98 -11.31 5.59
N LEU A 107 5.13 -11.43 4.93
CA LEU A 107 5.40 -12.54 4.04
C LEU A 107 5.89 -13.75 4.85
N GLU A 108 5.09 -14.81 4.89
CA GLU A 108 5.40 -15.97 5.73
C GLU A 108 6.29 -17.01 5.00
N PHE A 109 5.98 -17.27 3.73
CA PHE A 109 6.79 -18.16 2.89
C PHE A 109 6.85 -17.64 1.46
N SER A 110 7.87 -18.08 0.72
CA SER A 110 7.91 -17.86 -0.72
C SER A 110 8.60 -19.04 -1.37
N PHE A 111 8.25 -19.28 -2.63
CA PHE A 111 8.81 -20.39 -3.39
C PHE A 111 8.37 -20.23 -4.83
N LYS A 112 8.89 -21.08 -5.71
CA LYS A 112 8.50 -21.03 -7.12
C LYS A 112 8.48 -22.44 -7.67
N ASP A 113 7.82 -22.64 -8.80
CA ASP A 113 7.87 -23.92 -9.50
C ASP A 113 8.10 -23.63 -10.99
N ASN A 114 7.86 -24.60 -11.88
CA ASN A 114 8.14 -24.41 -13.31
C ASN A 114 7.42 -23.22 -13.91
N SER A 115 6.20 -22.95 -13.43
CA SER A 115 5.33 -21.96 -14.05
C SER A 115 5.21 -20.65 -13.28
N ASN A 116 5.14 -20.75 -11.96
CA ASN A 116 4.72 -19.63 -11.13
C ASN A 116 5.67 -19.25 -10.01
N LEU A 117 5.49 -18.02 -9.53
CA LEU A 117 6.09 -17.51 -8.30
C LEU A 117 5.02 -17.50 -7.22
N TYR A 118 5.41 -17.81 -5.99
CA TYR A 118 4.42 -17.82 -4.90
C TYR A 118 4.86 -16.98 -3.70
N MET A 119 3.97 -16.11 -3.23
CA MET A 119 4.23 -15.37 -2.00
C MET A 119 3.10 -15.60 -1.02
N VAL A 120 3.39 -16.29 0.07
CA VAL A 120 2.38 -16.65 1.04
C VAL A 120 2.43 -15.66 2.18
N MET A 121 1.41 -14.79 2.24
CA MET A 121 1.36 -13.70 3.21
C MET A 121 0.28 -13.97 4.26
N GLU A 122 0.27 -13.18 5.33
CA GLU A 122 -0.85 -13.23 6.27
C GLU A 122 -2.17 -12.94 5.55
N TYR A 123 -3.20 -13.67 5.95
CA TYR A 123 -4.56 -13.42 5.52
C TYR A 123 -5.19 -12.36 6.42
N VAL A 124 -5.76 -11.32 5.82
CA VAL A 124 -6.38 -10.23 6.56
C VAL A 124 -7.87 -10.26 6.24
N PRO A 125 -8.65 -10.82 7.16
CA PRO A 125 -10.05 -11.20 6.85
C PRO A 125 -11.01 -10.02 6.72
N GLY A 126 -10.64 -8.83 7.15
CA GLY A 126 -11.56 -7.70 7.12
C GLY A 126 -11.83 -7.10 5.75
N GLY A 127 -11.07 -7.54 4.74
CA GLY A 127 -11.24 -7.06 3.38
C GLY A 127 -10.51 -5.76 3.09
N GLU A 128 -10.65 -5.24 1.87
CA GLU A 128 -10.01 -4.00 1.48
C GLU A 128 -10.72 -2.76 2.02
N MET A 129 -9.95 -1.78 2.48
CA MET A 129 -10.50 -0.45 2.77
C MET A 129 -11.40 0.03 1.62
N PHE A 130 -10.96 -0.23 0.39
CA PHE A 130 -11.73 0.14 -0.79
C PHE A 130 -13.20 -0.30 -0.72
N SER A 131 -13.44 -1.56 -0.36
CA SER A 131 -14.79 -2.10 -0.30
C SER A 131 -15.65 -1.32 0.70
N HIS A 132 -15.10 -1.09 1.88
CA HIS A 132 -15.82 -0.43 2.97
C HIS A 132 -16.10 1.05 2.67
N LEU A 133 -15.09 1.72 2.13
CA LEU A 133 -15.18 3.12 1.75
C LEU A 133 -16.26 3.34 0.69
N ARG A 134 -16.24 2.56 -0.39
CA ARG A 134 -17.26 2.69 -1.43
C ARG A 134 -18.67 2.43 -0.87
N ARG A 135 -18.80 1.37 -0.07
CA ARG A 135 -20.11 1.06 0.49
C ARG A 135 -20.62 2.16 1.43
N ILE A 136 -19.79 2.63 2.36
CA ILE A 136 -20.29 3.60 3.35
C ILE A 136 -20.35 5.01 2.74
N GLY A 137 -19.65 5.22 1.63
CA GLY A 137 -19.60 6.52 1.01
C GLY A 137 -18.32 7.28 1.33
N ARG A 138 -18.18 7.70 2.59
CA ARG A 138 -16.96 8.38 3.05
C ARG A 138 -16.81 8.12 4.54
N PHE A 139 -15.59 8.29 5.04
CA PHE A 139 -15.31 8.17 6.47
C PHE A 139 -15.40 9.55 7.12
N SER A 140 -15.75 9.58 8.40
CA SER A 140 -15.63 10.81 9.19
C SER A 140 -14.16 11.21 9.28
N GLU A 141 -13.88 12.46 9.64
CA GLU A 141 -12.49 12.86 9.74
C GLU A 141 -11.74 12.11 10.86
N PRO A 142 -12.39 11.86 12.00
CA PRO A 142 -11.72 11.05 13.02
C PRO A 142 -11.39 9.63 12.54
N HIS A 143 -12.33 9.04 11.80
CA HIS A 143 -12.14 7.72 11.20
C HIS A 143 -10.98 7.75 10.20
N ALA A 144 -10.96 8.75 9.32
CA ALA A 144 -9.91 8.88 8.31
C ALA A 144 -8.54 9.15 8.96
N ARG A 145 -8.56 9.98 10.01
CA ARG A 145 -7.34 10.33 10.74
C ARG A 145 -6.68 9.09 11.34
N PHE A 146 -7.50 8.23 11.94
CA PHE A 146 -7.07 6.96 12.48
C PHE A 146 -6.27 6.12 11.47
N TYR A 147 -6.85 5.87 10.30
CA TYR A 147 -6.15 5.17 9.21
C TYR A 147 -4.93 5.93 8.70
N ALA A 148 -5.11 7.23 8.49
CA ALA A 148 -4.03 8.08 7.99
C ALA A 148 -2.80 8.01 8.89
N ALA A 149 -3.02 8.06 10.20
CA ALA A 149 -1.93 8.02 11.16
C ALA A 149 -1.06 6.77 10.94
N GLN A 150 -1.71 5.65 10.67
CA GLN A 150 -1.02 4.38 10.47
C GLN A 150 -0.14 4.41 9.22
N ILE A 151 -0.63 5.04 8.16
CA ILE A 151 0.14 5.19 6.93
C ILE A 151 1.33 6.11 7.16
N VAL A 152 1.11 7.21 7.90
CA VAL A 152 2.20 8.11 8.24
C VAL A 152 3.35 7.37 8.93
N LEU A 153 3.03 6.59 9.96
CA LEU A 153 4.05 5.85 10.67
C LEU A 153 4.70 4.79 9.77
N THR A 154 3.89 4.15 8.94
CA THR A 154 4.39 3.12 8.02
C THR A 154 5.38 3.70 6.99
N PHE A 155 5.04 4.86 6.42
CA PHE A 155 5.94 5.53 5.49
C PHE A 155 7.20 6.04 6.19
N GLU A 156 7.06 6.52 7.43
CA GLU A 156 8.25 6.90 8.21
C GLU A 156 9.20 5.70 8.33
N TYR A 157 8.65 4.56 8.71
CA TYR A 157 9.41 3.32 8.75
C TYR A 157 10.01 2.96 7.39
N LEU A 158 9.17 2.84 6.37
CA LEU A 158 9.66 2.42 5.04
C LEU A 158 10.71 3.38 4.51
N HIS A 159 10.45 4.68 4.61
CA HIS A 159 11.37 5.66 4.03
C HIS A 159 12.74 5.66 4.73
N SER A 160 12.77 5.34 6.02
CA SER A 160 14.03 5.32 6.77
C SER A 160 14.94 4.18 6.28
N LEU A 161 14.32 3.19 5.64
CA LEU A 161 15.06 2.04 5.08
C LEU A 161 15.40 2.28 3.60
N ASP A 162 15.21 3.52 3.16
CA ASP A 162 15.45 3.92 1.77
C ASP A 162 14.47 3.23 0.82
N LEU A 163 13.29 2.88 1.33
CA LEU A 163 12.26 2.29 0.49
C LEU A 163 11.23 3.33 0.07
N ILE A 164 10.75 3.19 -1.18
CA ILE A 164 9.61 3.96 -1.66
C ILE A 164 8.51 2.94 -1.98
N TYR A 165 7.25 3.24 -1.62
CA TYR A 165 6.18 2.27 -1.73
C TYR A 165 5.47 2.32 -3.11
N ARG A 166 5.05 3.53 -3.49
CA ARG A 166 4.64 3.86 -4.86
C ARG A 166 3.30 3.31 -5.36
N ASP A 167 2.45 2.78 -4.49
CA ASP A 167 1.10 2.43 -4.94
C ASP A 167 0.04 2.54 -3.85
N LEU A 168 0.11 3.60 -3.05
CA LEU A 168 -0.90 3.81 -2.01
C LEU A 168 -2.29 4.04 -2.63
N LYS A 169 -3.26 3.25 -2.17
CA LYS A 169 -4.66 3.46 -2.54
C LYS A 169 -5.51 2.55 -1.68
N PRO A 170 -6.81 2.85 -1.56
CA PRO A 170 -7.68 2.02 -0.71
C PRO A 170 -7.69 0.54 -1.13
N GLU A 171 -7.45 0.26 -2.40
CA GLU A 171 -7.44 -1.14 -2.88
C GLU A 171 -6.31 -1.96 -2.26
N ASN A 172 -5.30 -1.27 -1.73
CA ASN A 172 -4.06 -1.90 -1.27
C ASN A 172 -3.92 -1.91 0.24
N LEU A 173 -4.99 -1.53 0.92
CA LEU A 173 -5.01 -1.45 2.38
C LEU A 173 -6.07 -2.38 2.90
N LEU A 174 -5.67 -3.33 3.73
CA LEU A 174 -6.62 -4.29 4.32
C LEU A 174 -6.94 -3.91 5.76
N ILE A 175 -8.12 -4.31 6.23
CA ILE A 175 -8.51 -4.07 7.61
C ILE A 175 -8.45 -5.37 8.40
N ASP A 176 -7.66 -5.41 9.47
CA ASP A 176 -7.53 -6.67 10.21
C ASP A 176 -8.64 -6.80 11.24
N GLN A 177 -8.58 -7.85 12.06
CA GLN A 177 -9.66 -8.17 12.99
C GLN A 177 -9.79 -7.14 14.10
N GLN A 178 -8.74 -6.36 14.34
CA GLN A 178 -8.81 -5.33 15.37
C GLN A 178 -9.21 -3.98 14.76
N GLY A 179 -9.45 -3.96 13.45
CA GLY A 179 -9.85 -2.74 12.78
C GLY A 179 -8.67 -1.88 12.34
N TYR A 180 -7.46 -2.39 12.51
CA TYR A 180 -6.26 -1.67 12.07
C TYR A 180 -5.90 -1.98 10.61
N ILE A 181 -5.10 -1.09 10.00
CA ILE A 181 -4.64 -1.22 8.61
C ILE A 181 -3.50 -2.21 8.46
N GLN A 182 -3.55 -3.00 7.39
CA GLN A 182 -2.42 -3.81 6.93
C GLN A 182 -2.13 -3.45 5.47
N VAL A 183 -0.97 -2.84 5.24
CA VAL A 183 -0.55 -2.46 3.89
C VAL A 183 -0.05 -3.68 3.11
N THR A 184 -0.56 -3.89 1.91
CA THR A 184 -0.06 -5.00 1.12
C THR A 184 0.42 -4.49 -0.24
N ASP A 185 0.55 -5.39 -1.21
CA ASP A 185 0.85 -5.01 -2.60
C ASP A 185 2.14 -4.21 -2.75
N PHE A 186 3.27 -4.88 -2.54
CA PHE A 186 4.57 -4.24 -2.62
C PHE A 186 5.15 -4.31 -4.03
N GLY A 187 4.29 -4.55 -5.02
CA GLY A 187 4.73 -4.74 -6.39
C GLY A 187 5.61 -3.63 -6.97
N PHE A 188 5.41 -2.38 -6.54
CA PHE A 188 6.25 -1.26 -7.03
C PHE A 188 7.21 -0.73 -5.97
N ALA A 189 7.28 -1.36 -4.81
CA ALA A 189 8.22 -0.90 -3.79
C ALA A 189 9.67 -1.03 -4.29
N LYS A 190 10.51 -0.07 -3.93
CA LYS A 190 11.90 -0.06 -4.43
C LYS A 190 12.85 0.51 -3.40
N ARG A 191 14.02 -0.10 -3.27
CA ARG A 191 15.06 0.47 -2.42
C ARG A 191 15.99 1.32 -3.26
N VAL A 192 16.01 2.61 -3.00
CA VAL A 192 16.76 3.52 -3.84
C VAL A 192 17.20 4.73 -3.02
N LYS A 193 18.47 5.08 -3.15
CA LYS A 193 18.99 6.30 -2.55
C LYS A 193 19.07 7.36 -3.64
N GLY A 194 18.62 8.56 -3.34
CA GLY A 194 18.59 9.58 -4.38
C GLY A 194 17.30 9.57 -5.16
N ARG A 195 17.36 9.22 -6.45
CA ARG A 195 16.21 9.44 -7.32
C ARG A 195 15.96 8.31 -8.32
N THR A 196 14.70 8.15 -8.72
CA THR A 196 14.33 7.10 -9.67
C THR A 196 13.33 7.66 -10.70
N TRP A 197 13.06 6.89 -11.75
CA TRP A 197 12.36 7.46 -12.90
C TRP A 197 11.21 6.61 -13.43
N TPO A 198 11.01 5.41 -12.87
CA TPO A 198 10.01 4.51 -13.43
CB TPO A 198 10.03 3.15 -12.72
CG2 TPO A 198 8.88 2.30 -13.29
OG1 TPO A 198 11.29 2.54 -12.96
P TPO A 198 11.96 2.21 -11.54
O1P TPO A 198 13.39 1.89 -11.78
O2P TPO A 198 11.86 3.50 -10.59
O3P TPO A 198 11.18 0.98 -10.85
C TPO A 198 8.60 5.10 -13.41
O TPO A 198 8.12 5.58 -12.38
N LEU A 199 7.93 5.07 -14.56
CA LEU A 199 6.54 5.49 -14.60
C LEU A 199 5.72 4.34 -14.04
N CYS A 200 5.21 4.50 -12.83
CA CYS A 200 4.36 3.48 -12.22
C CYS A 200 3.50 4.09 -11.13
N GLY A 201 2.44 3.38 -10.79
CA GLY A 201 1.48 3.82 -9.78
C GLY A 201 0.08 3.63 -10.33
N THR A 202 -0.88 4.35 -9.74
CA THR A 202 -2.27 4.35 -10.19
C THR A 202 -2.65 5.79 -10.51
N PRO A 203 -3.27 6.05 -11.67
CA PRO A 203 -3.44 7.42 -12.20
C PRO A 203 -3.94 8.46 -11.17
N GLU A 204 -4.99 8.14 -10.41
CA GLU A 204 -5.56 9.06 -9.42
C GLU A 204 -4.54 9.49 -8.37
N TYR A 205 -3.54 8.63 -8.13
CA TYR A 205 -2.62 8.83 -7.00
C TYR A 205 -1.23 9.32 -7.42
N LEU A 206 -0.99 9.44 -8.73
CA LEU A 206 0.35 9.85 -9.20
C LEU A 206 0.69 11.31 -8.87
N ALA A 207 1.87 11.53 -8.28
CA ALA A 207 2.39 12.89 -8.10
C ALA A 207 2.72 13.53 -9.47
N PRO A 208 2.64 14.87 -9.56
CA PRO A 208 2.91 15.57 -10.81
C PRO A 208 4.28 15.22 -11.40
N GLU A 209 5.30 15.10 -10.56
CA GLU A 209 6.64 14.83 -11.09
C GLU A 209 6.74 13.46 -11.76
N ILE A 210 5.88 12.53 -11.36
CA ILE A 210 5.86 11.24 -12.05
C ILE A 210 5.26 11.41 -13.44
N ILE A 211 4.11 12.08 -13.50
CA ILE A 211 3.43 12.34 -14.76
C ILE A 211 4.32 13.11 -15.74
N LEU A 212 5.13 14.04 -15.23
CA LEU A 212 5.94 14.88 -16.11
C LEU A 212 7.32 14.27 -16.39
N SER A 213 7.49 13.01 -15.96
CA SER A 213 8.73 12.27 -16.20
C SER A 213 9.94 13.01 -15.65
N LYS A 214 9.84 13.48 -14.42
CA LYS A 214 10.87 14.37 -13.88
C LYS A 214 12.01 13.66 -13.17
N GLY A 215 11.78 12.45 -12.69
CA GLY A 215 12.73 11.86 -11.76
C GLY A 215 12.23 12.29 -10.40
N TYR A 216 12.21 11.37 -9.45
CA TYR A 216 11.46 11.60 -8.22
C TYR A 216 11.96 10.75 -7.07
N ASN A 217 11.44 11.00 -5.87
CA ASN A 217 11.86 10.23 -4.70
C ASN A 217 10.67 9.96 -3.79
N LYS A 218 10.93 9.76 -2.50
CA LYS A 218 9.91 9.34 -1.56
C LYS A 218 8.81 10.39 -1.38
N ALA A 219 9.03 11.60 -1.89
CA ALA A 219 8.01 12.64 -1.78
C ALA A 219 6.72 12.24 -2.51
N VAL A 220 6.82 11.31 -3.47
CA VAL A 220 5.61 10.88 -4.18
C VAL A 220 4.67 10.08 -3.27
N ASP A 221 5.22 9.38 -2.28
CA ASP A 221 4.39 8.67 -1.29
C ASP A 221 3.58 9.66 -0.44
N TRP A 222 4.19 10.78 -0.09
CA TRP A 222 3.50 11.79 0.73
C TRP A 222 2.39 12.48 -0.08
N TRP A 223 2.64 12.72 -1.37
CA TRP A 223 1.59 13.22 -2.24
C TRP A 223 0.44 12.22 -2.25
N ALA A 224 0.77 10.94 -2.41
CA ALA A 224 -0.25 9.89 -2.47
C ALA A 224 -1.04 9.82 -1.16
N LEU A 225 -0.37 10.07 -0.05
CA LEU A 225 -1.06 10.16 1.24
C LEU A 225 -2.11 11.29 1.21
N GLY A 226 -1.74 12.43 0.65
CA GLY A 226 -2.71 13.51 0.45
C GLY A 226 -3.94 13.04 -0.32
N VAL A 227 -3.73 12.29 -1.40
CA VAL A 227 -4.85 11.80 -2.21
C VAL A 227 -5.71 10.83 -1.41
N LEU A 228 -5.05 9.96 -0.65
CA LEU A 228 -5.75 8.98 0.16
C LEU A 228 -6.64 9.62 1.21
N ILE A 229 -6.09 10.56 1.95
CA ILE A 229 -6.84 11.22 3.01
C ILE A 229 -8.05 11.94 2.41
N TYR A 230 -7.82 12.66 1.30
CA TYR A 230 -8.92 13.32 0.60
C TYR A 230 -10.01 12.32 0.24
N GLU A 231 -9.64 11.20 -0.37
CA GLU A 231 -10.64 10.26 -0.84
C GLU A 231 -11.41 9.63 0.31
N MET A 232 -10.69 9.30 1.39
CA MET A 232 -11.33 8.75 2.60
C MET A 232 -12.36 9.71 3.17
N ALA A 233 -12.00 10.99 3.23
CA ALA A 233 -12.87 11.97 3.88
C ALA A 233 -13.96 12.51 2.96
N ALA A 234 -13.72 12.51 1.65
CA ALA A 234 -14.69 13.04 0.66
C ALA A 234 -15.58 11.95 0.10
N GLY A 235 -15.02 10.75 -0.06
CA GLY A 235 -15.72 9.67 -0.73
C GLY A 235 -15.39 9.56 -2.21
N TYR A 236 -14.60 10.52 -2.71
CA TYR A 236 -14.12 10.51 -4.09
C TYR A 236 -12.72 11.13 -4.09
N PRO A 237 -11.88 10.81 -5.08
CA PRO A 237 -10.51 11.38 -5.04
C PRO A 237 -10.51 12.84 -5.47
N PRO A 238 -9.41 13.56 -5.17
CA PRO A 238 -9.32 14.99 -5.52
C PRO A 238 -9.27 15.21 -7.04
N PHE A 239 -8.71 14.25 -7.79
CA PHE A 239 -8.65 14.34 -9.24
C PHE A 239 -9.26 13.09 -9.87
N PHE A 240 -10.44 13.21 -10.44
CA PHE A 240 -11.03 12.10 -11.17
C PHE A 240 -11.67 12.54 -12.49
N ALA A 241 -11.75 11.59 -13.41
CA ALA A 241 -12.31 11.81 -14.73
C ALA A 241 -12.55 10.43 -15.32
N ASP A 242 -13.10 10.37 -16.52
CA ASP A 242 -13.36 9.08 -17.17
C ASP A 242 -12.09 8.48 -17.78
N GLN A 243 -11.20 9.32 -18.28
CA GLN A 243 -9.95 8.85 -18.90
C GLN A 243 -8.73 9.35 -18.12
N PRO A 244 -7.70 8.49 -17.99
CA PRO A 244 -6.48 8.87 -17.28
C PRO A 244 -5.85 10.20 -17.75
N ILE A 245 -5.84 10.47 -19.05
CA ILE A 245 -5.20 11.69 -19.56
C ILE A 245 -5.81 12.94 -18.92
N GLN A 246 -7.12 12.93 -18.73
CA GLN A 246 -7.81 14.05 -18.11
C GLN A 246 -7.50 14.13 -16.60
N ILE A 247 -7.34 12.99 -15.96
CA ILE A 247 -6.88 12.93 -14.59
C ILE A 247 -5.51 13.63 -14.45
N TYR A 248 -4.57 13.27 -15.34
CA TYR A 248 -3.22 13.84 -15.33
C TYR A 248 -3.25 15.35 -15.54
N GLU A 249 -4.18 15.82 -16.36
CA GLU A 249 -4.27 17.25 -16.64
C GLU A 249 -4.70 18.00 -15.38
N LYS A 250 -5.61 17.40 -14.61
CA LYS A 250 -6.06 18.00 -13.36
C LYS A 250 -4.93 18.00 -12.34
N ILE A 251 -4.23 16.87 -12.24
CA ILE A 251 -3.13 16.70 -11.29
C ILE A 251 -2.03 17.75 -11.46
N VAL A 252 -1.59 17.98 -12.68
CA VAL A 252 -0.48 18.91 -12.89
C VAL A 252 -0.94 20.37 -12.89
N SER A 253 -2.25 20.60 -12.96
CA SER A 253 -2.79 21.96 -13.08
C SER A 253 -2.48 22.86 -11.89
N GLY A 254 -2.38 22.27 -10.71
CA GLY A 254 -2.12 23.02 -9.50
C GLY A 254 -3.38 23.40 -8.75
N LYS A 255 -4.54 22.92 -9.22
CA LYS A 255 -5.83 23.24 -8.64
C LYS A 255 -6.46 22.04 -7.94
N VAL A 256 -6.91 22.27 -6.71
CA VAL A 256 -7.63 21.27 -5.94
C VAL A 256 -8.82 21.93 -5.25
N ARG A 257 -9.99 21.29 -5.28
CA ARG A 257 -11.17 21.80 -4.57
C ARG A 257 -11.62 20.86 -3.46
N PHE A 258 -12.06 21.41 -2.34
CA PHE A 258 -12.44 20.59 -1.20
C PHE A 258 -13.93 20.68 -0.93
N PRO A 259 -14.54 19.56 -0.51
CA PRO A 259 -15.93 19.54 -0.03
C PRO A 259 -16.11 20.58 1.06
N SER A 260 -17.30 21.20 1.15
CA SER A 260 -17.54 22.23 2.15
C SER A 260 -17.56 21.66 3.57
N HIS A 261 -17.71 20.35 3.72
CA HIS A 261 -17.69 19.75 5.05
C HIS A 261 -16.28 19.45 5.57
N PHE A 262 -15.25 19.63 4.73
CA PHE A 262 -13.87 19.49 5.17
C PHE A 262 -13.53 20.56 6.20
N SER A 263 -12.95 20.16 7.33
CA SER A 263 -12.53 21.11 8.35
C SER A 263 -11.39 21.95 7.80
N SER A 264 -11.16 23.12 8.39
CA SER A 264 -10.09 23.99 7.93
C SER A 264 -8.72 23.36 8.16
N ASP A 265 -8.55 22.65 9.27
CA ASP A 265 -7.31 21.91 9.53
C ASP A 265 -7.04 20.85 8.45
N LEU A 266 -8.07 20.10 8.08
CA LEU A 266 -7.92 19.07 7.05
C LEU A 266 -7.52 19.70 5.72
N LYS A 267 -8.21 20.78 5.31
CA LYS A 267 -7.89 21.43 4.04
C LYS A 267 -6.46 21.94 4.07
N ASP A 268 -6.02 22.44 5.22
CA ASP A 268 -4.67 22.96 5.31
C ASP A 268 -3.63 21.86 5.16
N LEU A 269 -3.86 20.72 5.82
CA LEU A 269 -2.93 19.61 5.69
C LEU A 269 -2.88 19.16 4.23
N LEU A 270 -4.04 19.06 3.61
CA LEU A 270 -4.13 18.54 2.26
C LEU A 270 -3.47 19.48 1.23
N ARG A 271 -3.57 20.78 1.45
CA ARG A 271 -2.89 21.73 0.56
C ARG A 271 -1.37 21.61 0.66
N ASN A 272 -0.86 21.17 1.80
CA ASN A 272 0.57 21.01 1.97
C ASN A 272 1.07 19.65 1.46
N LEU A 273 0.18 18.66 1.44
CA LEU A 273 0.53 17.36 0.88
C LEU A 273 0.34 17.35 -0.64
N LEU A 274 -0.77 17.94 -1.10
CA LEU A 274 -1.05 18.01 -2.52
C LEU A 274 -0.35 19.22 -3.12
N GLN A 275 0.93 19.35 -2.75
CA GLN A 275 1.73 20.49 -3.15
C GLN A 275 2.58 20.12 -4.36
N VAL A 276 2.28 20.74 -5.51
CA VAL A 276 3.01 20.46 -6.74
C VAL A 276 4.49 20.84 -6.61
N ASP A 277 4.78 21.86 -5.80
CA ASP A 277 6.15 22.33 -5.56
C ASP A 277 6.87 21.51 -4.48
N LEU A 278 7.82 20.68 -4.88
CA LEU A 278 8.53 19.79 -3.95
C LEU A 278 9.22 20.53 -2.82
N THR A 279 9.63 21.77 -3.06
CA THR A 279 10.31 22.55 -2.02
C THR A 279 9.32 22.96 -0.94
N LYS A 280 8.04 22.70 -1.19
CA LYS A 280 7.01 23.09 -0.25
C LYS A 280 6.16 21.91 0.23
N ARG A 281 6.36 20.72 -0.31
CA ARG A 281 5.51 19.59 0.06
C ARG A 281 5.86 19.01 1.42
N PHE A 282 4.86 18.90 2.27
CA PHE A 282 5.02 18.27 3.58
C PHE A 282 5.56 16.86 3.43
N GLY A 283 6.47 16.49 4.32
CA GLY A 283 7.14 15.20 4.24
C GLY A 283 8.45 15.33 3.49
N ASN A 284 8.59 16.40 2.71
CA ASN A 284 9.77 16.64 1.89
C ASN A 284 10.60 17.84 2.36
N LEU A 285 10.29 18.37 3.54
CA LEU A 285 10.98 19.55 4.05
C LEU A 285 12.04 19.17 5.09
N LYS A 286 12.70 20.17 5.66
CA LYS A 286 13.79 19.92 6.59
C LYS A 286 13.31 19.12 7.79
N ASN A 287 12.07 19.38 8.23
CA ASN A 287 11.50 18.68 9.38
C ASN A 287 10.95 17.29 9.05
N GLY A 288 11.13 16.85 7.81
CA GLY A 288 10.69 15.53 7.40
C GLY A 288 9.24 15.23 7.77
N VAL A 289 9.00 14.01 8.25
CA VAL A 289 7.65 13.55 8.55
C VAL A 289 7.04 14.36 9.71
N ASN A 290 7.88 15.06 10.47
CA ASN A 290 7.39 15.77 11.64
C ASN A 290 6.51 16.98 11.32
N ASP A 291 6.65 17.56 10.12
CA ASP A 291 5.69 18.57 9.68
C ASP A 291 4.29 17.95 9.62
N ILE A 292 4.22 16.68 9.24
CA ILE A 292 2.94 16.00 9.18
C ILE A 292 2.45 15.59 10.57
N LYS A 293 3.32 14.97 11.36
CA LYS A 293 2.91 14.45 12.67
C LYS A 293 2.48 15.57 13.62
N ASN A 294 3.04 16.76 13.43
CA ASN A 294 2.71 17.89 14.29
C ASN A 294 1.71 18.85 13.67
N HIS A 295 1.13 18.50 12.52
CA HIS A 295 0.10 19.34 11.94
C HIS A 295 -1.13 19.36 12.85
N LYS A 296 -1.85 20.48 12.85
CA LYS A 296 -3.02 20.65 13.69
C LYS A 296 -4.06 19.53 13.52
N TRP A 297 -4.22 19.03 12.30
CA TRP A 297 -5.22 17.98 12.06
C TRP A 297 -4.92 16.71 12.86
N PHE A 298 -3.64 16.49 13.21
CA PHE A 298 -3.24 15.33 13.99
C PHE A 298 -3.05 15.62 15.49
N ALA A 299 -3.52 16.77 15.96
CA ALA A 299 -3.31 17.16 17.36
C ALA A 299 -3.79 16.07 18.34
N THR A 300 -4.92 15.45 18.03
CA THR A 300 -5.49 14.45 18.93
C THR A 300 -4.84 13.08 18.79
N THR A 301 -3.96 12.92 17.80
CA THR A 301 -3.34 11.63 17.56
C THR A 301 -2.18 11.33 18.52
N ASP A 302 -2.29 10.22 19.25
CA ASP A 302 -1.21 9.73 20.10
C ASP A 302 -0.40 8.71 19.30
N TRP A 303 0.74 9.12 18.74
CA TRP A 303 1.42 8.28 17.75
C TRP A 303 1.87 6.95 18.36
N ILE A 304 2.33 7.00 19.61
CA ILE A 304 2.80 5.79 20.26
C ILE A 304 1.66 4.80 20.48
N ALA A 305 0.52 5.33 20.94
CA ALA A 305 -0.68 4.53 21.19
C ALA A 305 -1.19 3.87 19.91
N ILE A 306 -1.06 4.57 18.79
CA ILE A 306 -1.39 4.02 17.49
C ILE A 306 -0.48 2.84 17.17
N TYR A 307 0.83 3.08 17.28
CA TYR A 307 1.83 2.05 17.02
C TYR A 307 1.60 0.80 17.88
N GLN A 308 1.24 1.03 19.15
CA GLN A 308 1.03 -0.06 20.09
C GLN A 308 -0.34 -0.71 19.93
N ARG A 309 -1.15 -0.16 19.02
CA ARG A 309 -2.49 -0.67 18.76
C ARG A 309 -3.38 -0.57 19.98
N LYS A 310 -3.18 0.49 20.77
CA LYS A 310 -3.98 0.69 21.99
C LYS A 310 -5.18 1.60 21.74
N VAL A 311 -5.25 2.20 20.56
CA VAL A 311 -6.37 3.09 20.24
C VAL A 311 -7.56 2.31 19.72
N GLU A 312 -8.74 2.75 20.11
CA GLU A 312 -9.97 2.08 19.69
C GLU A 312 -10.29 2.39 18.23
N ALA A 313 -10.49 1.33 17.45
CA ALA A 313 -10.74 1.49 16.02
C ALA A 313 -12.17 1.97 15.77
N PRO A 314 -12.35 2.69 14.66
CA PRO A 314 -13.65 3.17 14.16
C PRO A 314 -14.63 2.02 13.96
N PHE A 315 -14.17 0.90 13.42
CA PHE A 315 -15.04 -0.25 13.29
C PHE A 315 -14.26 -1.55 13.19
N ILE A 316 -14.91 -2.63 13.61
CA ILE A 316 -14.36 -3.98 13.54
C ILE A 316 -15.11 -4.74 12.46
N PRO A 317 -14.40 -5.34 11.49
CA PRO A 317 -15.08 -6.08 10.43
C PRO A 317 -15.87 -7.27 10.96
N LYS A 318 -16.95 -7.61 10.27
CA LYS A 318 -17.73 -8.80 10.57
C LYS A 318 -16.85 -10.05 10.40
N PHE A 319 -16.85 -10.92 11.41
CA PHE A 319 -16.01 -12.11 11.39
C PHE A 319 -16.82 -13.37 11.65
N LYS A 320 -17.07 -14.14 10.60
CA LYS A 320 -17.83 -15.38 10.74
C LYS A 320 -16.89 -16.59 10.72
N GLY A 321 -16.19 -16.80 11.83
CA GLY A 321 -15.25 -17.90 11.95
C GLY A 321 -14.04 -17.74 11.04
N PRO A 322 -13.11 -18.72 11.09
CA PRO A 322 -11.93 -18.71 10.24
C PRO A 322 -12.22 -19.23 8.83
N GLY A 323 -11.53 -18.68 7.84
CA GLY A 323 -11.75 -19.07 6.45
C GLY A 323 -12.90 -18.34 5.78
N ASP A 324 -13.65 -17.56 6.54
CA ASP A 324 -14.75 -16.76 6.01
C ASP A 324 -14.19 -15.66 5.10
N THR A 325 -14.74 -15.52 3.89
CA THR A 325 -14.29 -14.46 2.97
C THR A 325 -15.37 -13.42 2.63
N SER A 326 -16.39 -13.31 3.48
CA SER A 326 -17.56 -12.49 3.16
C SER A 326 -17.21 -11.01 3.01
N ASN A 327 -16.04 -10.60 3.49
CA ASN A 327 -15.60 -9.21 3.33
C ASN A 327 -14.86 -8.97 2.01
N PHE A 328 -14.75 -10.02 1.19
CA PHE A 328 -14.11 -9.91 -0.11
C PHE A 328 -15.10 -10.16 -1.23
N ASP A 329 -14.91 -9.49 -2.36
CA ASP A 329 -15.71 -9.77 -3.56
C ASP A 329 -15.41 -11.17 -4.08
N ASP A 330 -16.34 -11.71 -4.90
CA ASP A 330 -16.10 -12.97 -5.59
C ASP A 330 -15.38 -12.75 -6.92
N TYR A 331 -14.43 -13.61 -7.24
CA TYR A 331 -13.74 -13.54 -8.52
C TYR A 331 -13.84 -14.86 -9.27
N GLU A 332 -13.69 -14.83 -10.59
CA GLU A 332 -13.72 -16.07 -11.34
C GLU A 332 -12.48 -16.89 -11.04
N GLU A 333 -12.67 -18.18 -10.82
CA GLU A 333 -11.60 -19.07 -10.42
C GLU A 333 -10.96 -19.71 -11.64
N GLU A 334 -9.70 -20.11 -11.51
CA GLU A 334 -9.02 -20.76 -12.62
C GLU A 334 -8.03 -21.78 -12.07
N GLU A 335 -8.00 -22.96 -12.66
CA GLU A 335 -7.14 -24.02 -12.13
C GLU A 335 -5.67 -23.65 -12.30
N ILE A 336 -4.88 -23.88 -11.24
CA ILE A 336 -3.45 -23.68 -11.31
C ILE A 336 -2.81 -24.78 -12.15
N ARG A 337 -2.12 -24.42 -13.22
CA ARG A 337 -1.40 -25.42 -13.99
C ARG A 337 0.11 -25.23 -13.88
N VAL A 338 0.83 -26.30 -13.56
CA VAL A 338 2.28 -26.22 -13.53
C VAL A 338 2.86 -26.98 -14.70
N SEP A 339 3.54 -26.26 -15.58
CA SEP A 339 4.16 -26.88 -16.76
CB SEP A 339 4.76 -25.78 -17.64
OG SEP A 339 5.57 -26.31 -18.67
C SEP A 339 5.20 -27.92 -16.37
O SEP A 339 5.78 -27.87 -15.28
P SEP A 339 4.71 -26.63 -20.00
O1P SEP A 339 3.58 -25.53 -20.26
O2P SEP A 339 5.78 -26.66 -21.21
O3P SEP A 339 4.03 -28.06 -19.81
N ILE A 340 5.44 -28.89 -17.26
CA ILE A 340 6.46 -29.91 -17.00
C ILE A 340 7.84 -29.38 -17.36
N ASN A 341 7.87 -28.16 -17.89
CA ASN A 341 9.12 -27.49 -18.26
C ASN A 341 9.30 -26.19 -17.47
N GLU A 342 10.52 -25.95 -17.00
CA GLU A 342 10.79 -24.74 -16.25
C GLU A 342 10.70 -23.52 -17.15
N LYS A 343 9.86 -22.56 -16.78
CA LYS A 343 9.78 -21.29 -17.51
C LYS A 343 10.60 -20.20 -16.84
N CYS A 344 11.35 -19.45 -17.65
CA CYS A 344 12.00 -18.23 -17.18
C CYS A 344 12.87 -18.47 -15.94
N GLY A 345 13.62 -19.56 -15.94
CA GLY A 345 14.48 -19.89 -14.81
C GLY A 345 15.51 -18.83 -14.49
N LYS A 346 16.26 -18.41 -15.51
CA LYS A 346 17.34 -17.44 -15.30
C LYS A 346 16.80 -16.12 -14.76
N GLU A 347 15.71 -15.63 -15.34
CA GLU A 347 15.14 -14.34 -14.93
C GLU A 347 14.78 -14.27 -13.45
N PHE A 348 14.30 -15.37 -12.89
CA PHE A 348 13.83 -15.37 -11.51
C PHE A 348 14.69 -16.22 -10.59
N SER A 349 15.95 -16.41 -10.96
CA SER A 349 16.82 -17.31 -10.19
C SER A 349 16.95 -16.89 -8.72
N GLU A 350 17.00 -15.59 -8.44
CA GLU A 350 17.19 -15.17 -7.04
C GLU A 350 15.90 -15.19 -6.22
N PHE A 351 14.75 -15.38 -6.87
CA PHE A 351 13.47 -15.45 -6.16
C PHE A 351 13.44 -16.65 -5.19
N THR B 1 -23.94 17.34 -8.13
CA THR B 1 -22.94 17.34 -7.07
C THR B 1 -21.70 16.58 -7.51
N THR B 2 -20.56 16.93 -6.92
CA THR B 2 -19.32 16.23 -7.19
C THR B 2 -19.45 14.73 -6.91
N TYR B 3 -20.08 14.40 -5.80
CA TYR B 3 -20.28 12.99 -5.46
C TYR B 3 -21.09 12.26 -6.54
N ALA B 4 -22.17 12.88 -7.01
CA ALA B 4 -22.99 12.27 -8.06
C ALA B 4 -22.19 12.10 -9.35
N ASP B 5 -21.32 13.07 -9.64
CA ASP B 5 -20.49 12.97 -10.82
C ASP B 5 -19.50 11.83 -10.68
N PHE B 6 -18.97 11.66 -9.48
CA PHE B 6 -18.06 10.54 -9.25
C PHE B 6 -18.80 9.22 -9.47
N ILE B 7 -19.94 9.05 -8.82
CA ILE B 7 -20.68 7.80 -8.82
C ILE B 7 -21.14 7.38 -10.22
N ALA B 8 -21.38 8.37 -11.07
CA ALA B 8 -21.81 8.11 -12.45
C ALA B 8 -20.61 7.92 -13.39
N SER B 9 -19.39 8.11 -12.88
CA SER B 9 -18.19 7.97 -13.72
C SER B 9 -17.78 6.50 -13.89
N GLY B 10 -16.84 6.25 -14.80
CA GLY B 10 -16.36 4.89 -15.02
C GLY B 10 -15.22 4.49 -14.10
N ARG B 11 -14.94 5.29 -13.07
CA ARG B 11 -13.81 4.94 -12.22
C ARG B 11 -14.12 4.86 -10.73
N THR B 12 -15.25 4.24 -10.40
CA THR B 12 -15.58 3.96 -9.01
C THR B 12 -15.28 2.51 -8.63
N GLY B 13 -14.95 1.69 -9.62
CA GLY B 13 -14.47 0.33 -9.37
C GLY B 13 -12.99 0.30 -9.00
N ARG B 14 -12.43 -0.89 -8.84
CA ARG B 14 -11.00 -1.00 -8.54
C ARG B 14 -10.16 -0.45 -9.69
N ARG B 15 -9.17 0.35 -9.37
CA ARG B 15 -8.35 1.00 -10.37
C ARG B 15 -7.06 0.24 -10.63
N ASN B 16 -6.81 -0.05 -11.91
CA ASN B 16 -5.58 -0.72 -12.31
C ASN B 16 -4.37 0.21 -12.24
N ALA B 17 -3.23 -0.35 -11.84
CA ALA B 17 -1.96 0.36 -11.93
C ALA B 17 -1.58 0.62 -13.38
N ILE B 18 -0.76 1.63 -13.61
CA ILE B 18 -0.12 1.80 -14.92
C ILE B 18 1.39 1.59 -14.77
N HIS B 19 2.06 1.33 -15.89
CA HIS B 19 3.52 1.28 -15.88
C HIS B 19 4.16 1.21 -17.27
N ASP B 20 3.64 1.96 -18.22
CA ASP B 20 4.30 2.05 -19.53
C ASP B 20 4.61 3.50 -19.91
F01 8BQ C . -0.27 -7.55 -7.00
C02 8BQ C . -1.29 -8.35 -7.03
C03 8BQ C . -1.37 -9.29 -7.95
C04 8BQ C . -2.49 -10.18 -7.97
C05 8BQ C . -3.49 -10.02 -7.00
C06 8BQ C . -3.39 -9.02 -6.04
C07 8BQ C . -2.31 -8.19 -6.03
C08 8BQ C . -4.46 -8.84 -4.97
O09 8BQ C . -5.38 -9.67 -4.85
C10 8BQ C . -4.31 -7.66 -4.00
C11 8BQ C . -4.64 -6.23 -4.61
N12 8BQ C . -5.10 -5.52 -3.61
C13 8BQ C . -5.46 -6.54 -2.44
C14 8BQ C . -5.39 -7.80 -2.96
C15 8BQ C . -5.18 -8.62 -1.65
C16 8BQ C . -3.91 -8.68 -1.13
C17 8BQ C . -3.66 -9.39 0.09
C18 8BQ C . -4.71 -10.00 0.74
C19 8BQ C . -6.04 -9.94 0.18
C20 8BQ C . -6.27 -9.26 -0.99
C21 8BQ C . -4.44 -10.75 2.02
O22 8BQ C . -5.35 -11.31 2.64
N23 8BQ C . -3.14 -10.79 2.51
C24 8BQ C . -2.05 -10.14 1.82
N25 8BQ C . -2.31 -9.43 0.59
H10 8BQ C . -3.33 -7.81 -3.68
H20 8BQ C . -7.16 -9.21 -1.35
H11 8BQ C . -3.81 -5.81 -4.98
H11A 8BQ C . -5.32 -6.30 -5.31
HN12 8BQ C . -5.87 -5.06 -3.87
H03 8BQ C . -0.66 -9.39 -8.62
H13 8BQ C . -6.36 -6.37 -2.12
HN23 8BQ C . -2.97 -11.23 3.26
H13A 8BQ C . -4.86 -6.45 -1.74
H04 8BQ C . -2.56 -10.91 -8.68
H14 8BQ C . -6.26 -8.04 -3.39
H24 8BQ C . -1.08 -10.18 2.21
H05 8BQ C . -4.29 -10.64 -6.99
H16 8BQ C . -3.16 -8.22 -1.60
H07 8BQ C . -2.24 -7.50 -5.37
H19 8BQ C . -6.78 -10.37 0.64
C1 MPD D . -18.08 -3.92 2.37
C2 MPD D . -18.56 -5.36 2.41
O2 MPD D . -19.87 -5.40 1.92
CM MPD D . -18.56 -5.84 3.84
C3 MPD D . -17.64 -6.23 1.59
C4 MPD D . -18.23 -6.74 0.28
O4 MPD D . -18.71 -5.67 -0.49
C5 MPD D . -17.15 -7.43 -0.51
H11 MPD D . -17.14 -3.88 2.63
H12 MPD D . -18.19 -3.57 1.46
H13 MPD D . -18.61 -3.38 2.99
HO2 MPD D . -20.10 -4.61 1.60
HM1 MPD D . -18.92 -6.75 3.88
HM2 MPD D . -19.11 -5.25 4.39
HM3 MPD D . -17.65 -5.85 4.18
H31 MPD D . -17.39 -7.02 2.13
H32 MPD D . -16.84 -5.73 1.38
H4 MPD D . -18.96 -7.37 0.46
HO4 MPD D . -18.21 -5.58 -1.22
H51 MPD D . -17.49 -7.62 -1.41
H52 MPD D . -16.89 -8.25 -0.07
H53 MPD D . -16.38 -6.83 -0.58
C1 MPD E . -20.99 12.57 1.39
C2 MPD E . -21.35 11.23 0.80
O2 MPD E . -21.68 10.31 1.80
CM MPD E . -20.15 10.72 0.03
C3 MPD E . -22.52 11.41 -0.15
C4 MPD E . -23.87 11.54 0.54
O4 MPD E . -24.03 12.85 1.05
C5 MPD E . -24.94 11.26 -0.48
H11 MPD E . -20.84 13.22 0.67
H12 MPD E . -21.71 12.89 1.97
H13 MPD E . -20.16 12.49 1.92
HO2 MPD E . -20.95 10.11 2.28
HM1 MPD E . -19.94 11.33 -0.69
HM2 MPD E . -20.36 9.83 -0.33
HM3 MPD E . -19.39 10.65 0.64
H31 MPD E . -22.56 10.65 -0.75
H32 MPD E . -22.37 12.22 -0.68
H4 MPD E . -23.93 10.90 1.27
HO4 MPD E . -24.02 12.83 1.94
H51 MPD E . -24.83 10.37 -0.85
H52 MPD E . -24.90 11.92 -1.20
H53 MPD E . -25.82 11.32 -0.04
#